data_1DTH
#
_entry.id   1DTH
#
_cell.length_a   97.210
_cell.length_b   97.210
_cell.length_c   87.910
_cell.angle_alpha   90.00
_cell.angle_beta   90.00
_cell.angle_gamma   120.00
#
_symmetry.space_group_name_H-M   'P 65'
#
loop_
_entity.id
_entity.type
_entity.pdbx_description
1 polymer 'ATROLYSIN C'
2 non-polymer 'ZINC ION'
3 non-polymer 'CALCIUM ION'
4 non-polymer 4-(N-HYDROXYAMINO)-2R-ISOBUTYL-2S-(2-THIENYLTHIOMETHYL)SUCCINYL-L-PHENYLALANINE-N-METHYLAMIDE
#
_entity_poly.entity_id   1
_entity_poly.type   'polypeptide(L)'
_entity_poly.pdbx_seq_one_letter_code
;QQNLPQRYIELVVVADHRVFMKYNSDLNTIRTRVHEIVNFINGFYRSLNIHVSLTDLEIWSNEDQINIQSASSDTLNAFA
EWRETDLLNRKSHDNAQLLTAIELDEETLGLAPLGTMCDPKLSIGIVQDHSPINLLMGVTMAHELGHNLGMEHDGKDCLR
GASLCIMRPGLTKGRSYEFSDDSMHYYERFLKQYKPQCILNKP
;
_entity_poly.pdbx_strand_id   A,B
#
loop_
_chem_comp.id
_chem_comp.type
_chem_comp.name
_chem_comp.formula
BAT non-polymer 4-(N-HYDROXYAMINO)-2R-ISOBUTYL-2S-(2-THIENYLTHIOMETHYL)SUCCINYL-L-PHENYLALANINE-N-METHYLAMIDE 'C23 H31 N3 O4 S2'
CA non-polymer 'CALCIUM ION' 'Ca 2'
ZN non-polymer 'ZINC ION' 'Zn 2'
#
# COMPACT_ATOMS: atom_id res chain seq x y z
N GLN A 2 -8.01 6.46 -6.23
CA GLN A 2 -8.98 6.17 -5.12
C GLN A 2 -8.09 5.86 -3.93
N ASN A 3 -8.26 6.54 -2.80
CA ASN A 3 -7.41 6.24 -1.65
C ASN A 3 -8.14 5.47 -0.56
N LEU A 4 -7.57 4.30 -0.23
CA LEU A 4 -8.12 3.41 0.78
C LEU A 4 -7.40 3.56 2.11
N PRO A 5 -8.17 3.72 3.20
CA PRO A 5 -7.64 3.88 4.56
C PRO A 5 -6.84 2.70 5.09
N GLN A 6 -6.04 2.99 6.10
CA GLN A 6 -5.18 2.01 6.76
C GLN A 6 -6.00 1.08 7.67
N ARG A 7 -6.10 -0.18 7.27
CA ARG A 7 -6.84 -1.20 8.02
C ARG A 7 -5.89 -2.32 8.43
N TYR A 8 -6.21 -3.01 9.52
CA TYR A 8 -5.37 -4.08 10.07
C TYR A 8 -6.16 -5.31 10.53
N ILE A 9 -5.86 -6.46 9.92
CA ILE A 9 -6.52 -7.74 10.22
C ILE A 9 -5.69 -8.56 11.21
N GLU A 10 -6.35 -9.06 12.26
CA GLU A 10 -5.68 -9.86 13.25
C GLU A 10 -6.02 -11.29 12.88
N LEU A 11 -5.04 -11.96 12.29
CA LEU A 11 -5.17 -13.32 11.79
C LEU A 11 -4.65 -14.44 12.67
N VAL A 12 -5.45 -15.49 12.78
CA VAL A 12 -5.09 -16.68 13.54
C VAL A 12 -5.15 -17.84 12.53
N VAL A 13 -4.06 -18.58 12.42
CA VAL A 13 -4.00 -19.71 11.51
C VAL A 13 -4.09 -20.96 12.37
N VAL A 14 -4.97 -21.87 12.00
CA VAL A 14 -5.15 -23.12 12.73
C VAL A 14 -4.69 -24.29 11.85
N ALA A 15 -3.63 -24.98 12.25
CA ALA A 15 -3.11 -26.11 11.51
C ALA A 15 -3.69 -27.37 12.13
N ASP A 16 -4.32 -28.23 11.32
CA ASP A 16 -4.93 -29.48 11.80
C ASP A 16 -3.93 -30.63 12.01
N HIS A 17 -4.37 -31.72 12.66
CA HIS A 17 -3.51 -32.88 12.96
C HIS A 17 -2.83 -33.42 11.72
N ARG A 18 -3.52 -33.34 10.58
CA ARG A 18 -2.95 -33.80 9.34
C ARG A 18 -1.74 -32.97 8.92
N VAL A 19 -1.77 -31.68 9.22
CA VAL A 19 -0.65 -30.80 8.91
C VAL A 19 0.47 -31.13 9.91
N PHE A 20 0.10 -31.39 11.16
CA PHE A 20 1.04 -31.74 12.22
C PHE A 20 1.78 -33.03 11.85
N MET A 21 1.06 -34.02 11.32
CA MET A 21 1.64 -35.30 10.90
C MET A 21 2.44 -35.23 9.60
N LYS A 22 2.23 -34.17 8.84
CA LYS A 22 2.91 -33.96 7.56
C LYS A 22 4.34 -33.48 7.77
N TYR A 23 4.52 -32.49 8.65
CA TYR A 23 5.84 -31.93 8.94
C TYR A 23 6.61 -32.60 10.08
N ASN A 24 6.38 -33.89 10.23
CA ASN A 24 7.02 -34.75 11.25
C ASN A 24 6.93 -34.24 12.68
N SER A 25 5.74 -33.77 13.06
CA SER A 25 5.49 -33.23 14.38
C SER A 25 6.40 -32.08 14.83
N ASP A 26 7.07 -31.43 13.87
CA ASP A 26 7.94 -30.31 14.20
C ASP A 26 7.11 -29.02 14.12
N LEU A 27 6.85 -28.40 15.26
CA LEU A 27 6.07 -27.14 15.31
C LEU A 27 6.85 -25.96 14.72
N ASN A 28 8.16 -25.99 14.88
CA ASN A 28 9.05 -24.94 14.39
C ASN A 28 8.95 -24.73 12.89
N THR A 29 8.94 -25.83 12.14
CA THR A 29 8.87 -25.80 10.68
C THR A 29 7.51 -25.26 10.21
N ILE A 30 6.46 -25.67 10.91
CA ILE A 30 5.11 -25.24 10.60
C ILE A 30 5.01 -23.74 10.88
N ARG A 31 5.66 -23.32 11.96
CA ARG A 31 5.71 -21.94 12.40
C ARG A 31 6.41 -21.06 11.34
N THR A 32 7.51 -21.58 10.79
CA THR A 32 8.27 -20.87 9.76
C THR A 32 7.61 -20.88 8.37
N ARG A 33 6.74 -21.85 8.11
CA ARG A 33 6.02 -21.89 6.84
C ARG A 33 4.94 -20.81 6.83
N VAL A 34 4.19 -20.74 7.94
CA VAL A 34 3.09 -19.81 8.11
C VAL A 34 3.57 -18.35 8.19
N HIS A 35 4.69 -18.13 8.87
CA HIS A 35 5.24 -16.79 9.02
C HIS A 35 5.59 -16.14 7.69
N GLU A 36 6.11 -16.95 6.77
CA GLU A 36 6.50 -16.49 5.43
C GLU A 36 5.25 -16.32 4.54
N ILE A 37 4.25 -17.17 4.72
CA ILE A 37 3.02 -17.09 3.94
C ILE A 37 2.36 -15.74 4.21
N VAL A 38 2.32 -15.33 5.48
CA VAL A 38 1.74 -14.05 5.88
C VAL A 38 2.53 -12.86 5.26
N ASN A 39 3.85 -12.98 5.21
CA ASN A 39 4.70 -11.92 4.63
C ASN A 39 4.30 -11.70 3.17
N PHE A 40 4.00 -12.79 2.47
CA PHE A 40 3.55 -12.74 1.08
C PHE A 40 2.15 -12.13 0.99
N ILE A 41 1.28 -12.44 1.95
CA ILE A 41 -0.07 -11.87 1.98
C ILE A 41 0.07 -10.34 2.10
N ASN A 42 0.90 -9.89 3.04
CA ASN A 42 1.16 -8.47 3.27
C ASN A 42 1.64 -7.73 2.02
N GLY A 43 2.47 -8.38 1.21
CA GLY A 43 2.97 -7.78 0.00
C GLY A 43 1.87 -7.62 -1.03
N PHE A 44 0.94 -8.56 -1.10
CA PHE A 44 -0.15 -8.47 -2.06
C PHE A 44 -1.11 -7.38 -1.61
N TYR A 45 -1.27 -7.24 -0.30
CA TYR A 45 -2.16 -6.23 0.25
C TYR A 45 -1.62 -4.81 0.40
N ARG A 46 -0.37 -4.56 0.05
CA ARG A 46 0.22 -3.21 0.13
C ARG A 46 -0.67 -2.22 -0.65
N SER A 47 -1.15 -2.66 -1.81
CA SER A 47 -1.97 -1.86 -2.72
C SER A 47 -3.33 -1.41 -2.17
N LEU A 48 -3.90 -2.22 -1.30
CA LEU A 48 -5.21 -1.92 -0.73
C LEU A 48 -5.15 -1.32 0.68
N ASN A 49 -3.93 -1.12 1.19
CA ASN A 49 -3.71 -0.55 2.53
C ASN A 49 -4.16 -1.42 3.71
N ILE A 50 -3.94 -2.73 3.59
CA ILE A 50 -4.28 -3.67 4.65
C ILE A 50 -2.99 -4.36 5.08
N HIS A 51 -2.78 -4.45 6.39
CA HIS A 51 -1.62 -5.14 6.95
C HIS A 51 -2.20 -6.32 7.71
N VAL A 52 -1.66 -7.50 7.46
CA VAL A 52 -2.11 -8.70 8.14
C VAL A 52 -1.07 -9.10 9.19
N SER A 53 -1.52 -9.31 10.42
CA SER A 53 -0.66 -9.70 11.54
C SER A 53 -0.97 -11.12 11.99
N LEU A 54 0.09 -11.89 12.28
CA LEU A 54 -0.08 -13.26 12.76
C LEU A 54 -0.26 -13.13 14.28
N THR A 55 -1.51 -13.04 14.74
CA THR A 55 -1.84 -12.91 16.15
C THR A 55 -1.53 -14.17 16.97
N ASP A 56 -1.88 -15.34 16.43
CA ASP A 56 -1.65 -16.60 17.12
C ASP A 56 -1.69 -17.73 16.10
N LEU A 57 -0.95 -18.81 16.39
CA LEU A 57 -0.89 -20.00 15.53
C LEU A 57 -1.29 -21.20 16.39
N GLU A 58 -2.44 -21.78 16.09
CA GLU A 58 -2.97 -22.93 16.83
C GLU A 58 -2.68 -24.23 16.08
N ILE A 59 -1.89 -25.12 16.66
CA ILE A 59 -1.60 -26.39 15.99
C ILE A 59 -2.24 -27.48 16.82
N TRP A 60 -3.20 -28.18 16.23
CA TRP A 60 -3.89 -29.28 16.91
C TRP A 60 -2.95 -30.52 16.92
N SER A 61 -1.99 -30.48 17.85
CA SER A 61 -0.97 -31.51 18.03
C SER A 61 -1.48 -32.86 18.47
N ASN A 62 -2.46 -32.86 19.36
CA ASN A 62 -3.00 -34.11 19.86
C ASN A 62 -4.10 -34.65 18.95
N GLU A 63 -5.18 -33.88 18.82
CA GLU A 63 -6.33 -34.27 18.02
C GLU A 63 -7.06 -33.05 17.43
N ASP A 64 -7.84 -33.29 16.38
CA ASP A 64 -8.65 -32.26 15.71
C ASP A 64 -9.82 -31.91 16.64
N GLN A 65 -10.19 -30.64 16.69
CA GLN A 65 -11.31 -30.22 17.52
C GLN A 65 -12.62 -30.26 16.74
N ILE A 66 -12.54 -30.33 15.41
CA ILE A 66 -13.73 -30.44 14.56
C ILE A 66 -13.58 -31.63 13.62
N ASN A 67 -14.67 -32.06 13.01
CA ASN A 67 -14.60 -33.18 12.10
C ASN A 67 -14.13 -32.67 10.74
N ILE A 68 -12.89 -33.00 10.39
CA ILE A 68 -12.28 -32.59 9.13
C ILE A 68 -12.82 -33.55 8.06
N GLN A 69 -13.63 -33.04 7.11
CA GLN A 69 -14.20 -33.86 6.04
C GLN A 69 -13.80 -33.43 4.63
N SER A 70 -13.87 -34.37 3.68
CA SER A 70 -13.51 -34.08 2.30
C SER A 70 -14.40 -32.98 1.72
N ALA A 71 -15.67 -33.02 2.08
CA ALA A 71 -16.64 -32.02 1.62
C ALA A 71 -16.21 -30.69 2.23
N SER A 72 -15.64 -29.81 1.40
CA SER A 72 -15.16 -28.50 1.84
C SER A 72 -16.20 -27.70 2.62
N SER A 73 -17.43 -27.70 2.12
CA SER A 73 -18.51 -26.96 2.75
C SER A 73 -18.87 -27.48 4.15
N ASP A 74 -18.82 -28.79 4.36
CA ASP A 74 -19.16 -29.39 5.66
C ASP A 74 -18.12 -28.97 6.71
N THR A 75 -16.86 -28.94 6.30
CA THR A 75 -15.73 -28.58 7.13
C THR A 75 -15.68 -27.08 7.42
N LEU A 76 -16.16 -26.28 6.47
CA LEU A 76 -16.20 -24.83 6.63
C LEU A 76 -17.19 -24.48 7.74
N ASN A 77 -18.40 -25.02 7.64
CA ASN A 77 -19.46 -24.76 8.62
C ASN A 77 -19.16 -25.32 10.00
N ALA A 78 -18.34 -26.37 10.05
CA ALA A 78 -17.96 -27.01 11.32
C ALA A 78 -16.89 -26.17 12.01
N PHE A 79 -15.96 -25.65 11.22
CA PHE A 79 -14.88 -24.81 11.71
C PHE A 79 -15.46 -23.43 12.15
N ALA A 80 -16.55 -23.00 11.51
CA ALA A 80 -17.21 -21.74 11.81
C ALA A 80 -17.80 -21.67 13.22
N GLU A 81 -18.47 -22.76 13.63
CA GLU A 81 -19.07 -22.84 14.96
C GLU A 81 -18.05 -23.10 16.07
N TRP A 82 -16.90 -23.65 15.70
CA TRP A 82 -15.84 -23.89 16.66
C TRP A 82 -15.17 -22.56 16.98
N ARG A 83 -14.91 -21.80 15.92
CA ARG A 83 -14.27 -20.48 16.03
C ARG A 83 -15.11 -19.52 16.91
N GLU A 84 -16.43 -19.63 16.82
CA GLU A 84 -17.35 -18.77 17.58
C GLU A 84 -17.51 -19.11 19.08
N THR A 85 -17.56 -20.40 19.41
CA THR A 85 -17.73 -20.83 20.80
C THR A 85 -16.44 -21.09 21.55
N ASP A 86 -15.42 -21.55 20.83
CA ASP A 86 -14.14 -21.89 21.43
C ASP A 86 -13.11 -20.76 21.33
N LEU A 87 -12.48 -20.68 20.16
CA LEU A 87 -11.40 -19.72 19.87
C LEU A 87 -11.62 -18.23 20.13
N LEU A 88 -12.75 -17.68 19.68
CA LEU A 88 -13.06 -16.27 19.86
C LEU A 88 -13.10 -15.89 21.36
N ASN A 89 -13.55 -16.83 22.18
CA ASN A 89 -13.66 -16.63 23.63
C ASN A 89 -12.33 -16.85 24.39
N ARG A 90 -11.26 -17.09 23.64
CA ARG A 90 -9.93 -17.32 24.21
C ARG A 90 -8.93 -16.32 23.62
N LYS A 91 -9.03 -16.11 22.32
CA LYS A 91 -8.13 -15.21 21.61
C LYS A 91 -8.92 -14.19 20.81
N SER A 92 -8.74 -12.91 21.15
CA SER A 92 -9.42 -11.82 20.46
C SER A 92 -8.73 -11.65 19.11
N HIS A 93 -9.46 -11.95 18.03
CA HIS A 93 -8.91 -11.86 16.69
C HIS A 93 -9.99 -11.46 15.69
N ASP A 94 -9.57 -11.08 14.49
CA ASP A 94 -10.48 -10.63 13.43
C ASP A 94 -10.87 -11.73 12.44
N ASN A 95 -9.89 -12.48 11.98
CA ASN A 95 -10.13 -13.53 11.01
C ASN A 95 -9.31 -14.78 11.38
N ALA A 96 -9.85 -15.96 11.06
CA ALA A 96 -9.20 -17.23 11.34
C ALA A 96 -9.20 -18.14 10.12
N GLN A 97 -8.01 -18.53 9.69
CA GLN A 97 -7.84 -19.38 8.51
C GLN A 97 -7.39 -20.78 8.93
N LEU A 98 -8.11 -21.82 8.49
CA LEU A 98 -7.73 -23.19 8.81
C LEU A 98 -6.85 -23.77 7.72
N LEU A 99 -5.68 -24.26 8.11
CA LEU A 99 -4.76 -24.85 7.20
C LEU A 99 -4.97 -26.36 7.36
N THR A 100 -5.57 -26.98 6.36
CA THR A 100 -5.83 -28.41 6.42
C THR A 100 -4.96 -29.15 5.42
N ALA A 101 -4.67 -30.42 5.69
CA ALA A 101 -3.83 -31.22 4.80
C ALA A 101 -4.63 -32.30 4.10
N ILE A 102 -5.95 -32.25 4.25
CA ILE A 102 -6.81 -33.23 3.63
C ILE A 102 -7.06 -32.80 2.18
N GLU A 103 -7.16 -33.76 1.27
CA GLU A 103 -7.41 -33.49 -0.13
C GLU A 103 -8.90 -33.18 -0.27
N LEU A 104 -9.23 -31.91 -0.48
CA LEU A 104 -10.61 -31.48 -0.64
C LEU A 104 -11.29 -31.96 -1.92
N ASP A 105 -12.61 -32.13 -1.80
CA ASP A 105 -13.54 -32.61 -2.82
C ASP A 105 -13.35 -32.41 -4.34
N GLU A 106 -13.75 -31.27 -4.89
CA GLU A 106 -13.62 -31.07 -6.35
C GLU A 106 -12.21 -30.62 -6.68
N GLU A 107 -11.24 -31.15 -5.94
CA GLU A 107 -9.85 -30.76 -6.10
C GLU A 107 -9.84 -29.29 -5.69
N THR A 108 -10.44 -29.05 -4.51
CA THR A 108 -10.58 -27.72 -3.93
C THR A 108 -9.37 -27.34 -3.07
N LEU A 109 -8.85 -26.14 -3.27
CA LEU A 109 -7.70 -25.69 -2.52
C LEU A 109 -8.02 -24.57 -1.54
N GLY A 110 -9.24 -24.07 -1.62
CA GLY A 110 -9.66 -22.98 -0.75
C GLY A 110 -11.15 -22.74 -0.78
N LEU A 111 -11.68 -22.23 0.34
CA LEU A 111 -13.08 -21.91 0.50
C LEU A 111 -13.24 -20.92 1.66
N ALA A 112 -14.01 -19.86 1.44
CA ALA A 112 -14.26 -18.83 2.45
C ALA A 112 -15.51 -18.05 2.09
N PRO A 113 -16.25 -17.58 3.11
CA PRO A 113 -17.49 -16.78 2.95
C PRO A 113 -17.25 -15.37 2.41
N LEU A 114 -18.22 -14.85 1.66
CA LEU A 114 -18.15 -13.52 1.04
C LEU A 114 -18.67 -12.34 1.87
N GLY A 115 -17.89 -11.26 1.88
CA GLY A 115 -18.28 -10.05 2.61
C GLY A 115 -18.63 -10.33 4.04
N THR A 116 -17.79 -11.09 4.72
CA THR A 116 -18.02 -11.47 6.10
C THR A 116 -16.94 -11.07 7.12
N MET A 117 -16.01 -10.18 6.76
CA MET A 117 -14.94 -9.76 7.70
C MET A 117 -15.48 -9.12 8.99
N CYS A 118 -15.11 -9.70 10.14
CA CYS A 118 -15.50 -9.27 11.50
C CYS A 118 -16.68 -10.05 12.10
N ASP A 119 -17.29 -10.91 11.30
CA ASP A 119 -18.41 -11.73 11.76
C ASP A 119 -17.82 -12.66 12.81
N PRO A 120 -18.54 -12.88 13.91
CA PRO A 120 -17.99 -13.77 14.92
C PRO A 120 -17.92 -15.22 14.47
N LYS A 121 -18.77 -15.59 13.52
CA LYS A 121 -18.84 -16.96 13.01
C LYS A 121 -18.32 -17.18 11.59
N LEU A 122 -18.63 -16.26 10.69
CA LEU A 122 -18.24 -16.38 9.29
C LEU A 122 -16.98 -15.64 8.82
N SER A 123 -16.23 -15.06 9.74
CA SER A 123 -14.98 -14.40 9.37
C SER A 123 -13.92 -15.51 9.39
N ILE A 124 -14.12 -16.51 8.53
CA ILE A 124 -13.24 -17.68 8.44
C ILE A 124 -12.85 -18.02 7.00
N GLY A 125 -12.00 -19.04 6.87
CA GLY A 125 -11.56 -19.50 5.57
C GLY A 125 -10.88 -20.85 5.66
N ILE A 126 -10.82 -21.56 4.53
CA ILE A 126 -10.17 -22.88 4.45
C ILE A 126 -9.06 -22.77 3.42
N VAL A 127 -7.90 -23.30 3.78
CA VAL A 127 -6.72 -23.29 2.92
C VAL A 127 -6.12 -24.70 2.98
N GLN A 128 -5.94 -25.31 1.82
CA GLN A 128 -5.36 -26.64 1.79
C GLN A 128 -3.85 -26.51 1.59
N ASP A 129 -3.08 -27.31 2.32
CA ASP A 129 -1.64 -27.29 2.22
C ASP A 129 -1.33 -28.07 0.93
N HIS A 130 -1.33 -27.37 -0.19
CA HIS A 130 -1.13 -27.98 -1.50
C HIS A 130 0.17 -27.70 -2.25
N SER A 131 0.92 -26.69 -1.84
CA SER A 131 2.17 -26.37 -2.52
C SER A 131 3.30 -26.16 -1.51
N PRO A 132 4.48 -26.71 -1.79
CA PRO A 132 5.61 -26.54 -0.86
C PRO A 132 6.26 -25.17 -1.08
N ILE A 133 5.70 -24.41 -2.02
CA ILE A 133 6.19 -23.08 -2.35
C ILE A 133 5.30 -22.12 -1.58
N ASN A 134 5.90 -21.41 -0.63
CA ASN A 134 5.19 -20.45 0.22
C ASN A 134 4.45 -19.36 -0.55
N LEU A 135 4.91 -19.03 -1.76
CA LEU A 135 4.29 -18.00 -2.60
C LEU A 135 2.88 -18.41 -3.03
N LEU A 136 2.74 -19.61 -3.61
CA LEU A 136 1.42 -20.09 -4.06
C LEU A 136 0.52 -20.25 -2.84
N MET A 137 1.11 -20.64 -1.71
CA MET A 137 0.37 -20.81 -0.48
C MET A 137 -0.08 -19.44 0.00
N GLY A 138 0.70 -18.42 -0.33
CA GLY A 138 0.36 -17.07 0.06
C GLY A 138 -0.79 -16.51 -0.78
N VAL A 139 -0.85 -16.86 -2.06
CA VAL A 139 -1.91 -16.39 -2.95
C VAL A 139 -3.22 -17.07 -2.58
N THR A 140 -3.13 -18.36 -2.24
CA THR A 140 -4.29 -19.14 -1.86
C THR A 140 -4.94 -18.55 -0.60
N MET A 141 -4.15 -18.19 0.40
CA MET A 141 -4.70 -17.60 1.62
C MET A 141 -5.14 -16.16 1.40
N ALA A 142 -4.48 -15.45 0.50
CA ALA A 142 -4.83 -14.06 0.18
C ALA A 142 -6.10 -14.00 -0.65
N HIS A 143 -6.33 -15.00 -1.49
CA HIS A 143 -7.51 -15.10 -2.32
C HIS A 143 -8.74 -15.24 -1.40
N GLU A 144 -8.64 -16.12 -0.41
CA GLU A 144 -9.71 -16.38 0.53
C GLU A 144 -9.97 -15.22 1.52
N LEU A 145 -8.94 -14.43 1.85
CA LEU A 145 -9.11 -13.27 2.72
C LEU A 145 -9.80 -12.19 1.87
N GLY A 146 -9.59 -12.27 0.55
CA GLY A 146 -10.19 -11.35 -0.40
C GLY A 146 -11.69 -11.59 -0.46
N HIS A 147 -12.10 -12.85 -0.45
CA HIS A 147 -13.53 -13.21 -0.44
C HIS A 147 -14.17 -12.64 0.84
N ASN A 148 -13.46 -12.78 1.96
CA ASN A 148 -13.88 -12.30 3.28
C ASN A 148 -14.08 -10.79 3.23
N LEU A 149 -13.34 -10.14 2.34
CA LEU A 149 -13.39 -8.68 2.15
C LEU A 149 -14.35 -8.25 1.04
N GLY A 150 -15.31 -9.12 0.73
CA GLY A 150 -16.31 -8.83 -0.29
C GLY A 150 -15.88 -8.95 -1.74
N MET A 151 -14.73 -9.57 -2.00
CA MET A 151 -14.23 -9.74 -3.37
C MET A 151 -14.77 -10.98 -4.07
N GLU A 152 -15.25 -10.81 -5.29
CA GLU A 152 -15.74 -11.93 -6.07
C GLU A 152 -14.67 -12.20 -7.12
N HIS A 153 -14.80 -13.31 -7.84
CA HIS A 153 -13.80 -13.67 -8.85
C HIS A 153 -13.63 -12.74 -10.05
N ASP A 154 -12.44 -12.83 -10.64
CA ASP A 154 -12.03 -12.08 -11.82
C ASP A 154 -12.19 -13.05 -13.00
N GLY A 155 -11.82 -12.61 -14.19
CA GLY A 155 -11.93 -13.46 -15.38
C GLY A 155 -11.00 -14.66 -15.37
N LYS A 156 -11.31 -15.63 -16.23
CA LYS A 156 -10.53 -16.85 -16.35
C LYS A 156 -9.05 -16.48 -16.55
N ASP A 157 -8.79 -15.56 -17.48
CA ASP A 157 -7.44 -15.10 -17.77
C ASP A 157 -7.35 -13.62 -17.41
N CYS A 158 -7.30 -13.34 -16.12
CA CYS A 158 -7.23 -11.96 -15.64
C CYS A 158 -5.77 -11.58 -15.48
N LEU A 159 -5.37 -10.46 -16.07
CA LEU A 159 -4.01 -9.98 -15.95
C LEU A 159 -3.92 -8.48 -15.71
N ARG A 160 -3.11 -8.11 -14.72
CA ARG A 160 -2.86 -6.72 -14.40
C ARG A 160 -1.37 -6.63 -14.76
N GLY A 161 -1.11 -6.42 -16.05
CA GLY A 161 0.25 -6.34 -16.55
C GLY A 161 0.79 -7.74 -16.75
N ALA A 162 2.01 -7.99 -16.29
CA ALA A 162 2.60 -9.32 -16.41
C ALA A 162 2.13 -10.19 -15.25
N SER A 163 1.52 -9.56 -14.25
CA SER A 163 1.03 -10.24 -13.06
C SER A 163 -0.35 -10.83 -13.18
N LEU A 164 -0.49 -12.01 -12.60
CA LEU A 164 -1.72 -12.77 -12.59
C LEU A 164 -2.62 -12.25 -11.48
N CYS A 165 -3.89 -12.04 -11.78
CA CYS A 165 -4.84 -11.55 -10.77
C CYS A 165 -5.01 -12.61 -9.68
N ILE A 166 -4.98 -12.19 -8.43
CA ILE A 166 -5.13 -13.10 -7.32
C ILE A 166 -6.54 -13.70 -7.24
N MET A 167 -7.52 -12.95 -7.70
CA MET A 167 -8.89 -13.44 -7.65
C MET A 167 -9.42 -14.26 -8.84
N ARG A 168 -8.53 -14.93 -9.56
CA ARG A 168 -8.92 -15.80 -10.68
C ARG A 168 -9.57 -17.01 -10.01
N PRO A 169 -10.52 -17.67 -10.71
CA PRO A 169 -11.19 -18.85 -10.13
C PRO A 169 -10.31 -20.11 -9.98
N GLY A 170 -9.08 -20.04 -10.48
CA GLY A 170 -8.16 -21.17 -10.39
C GLY A 170 -6.70 -20.71 -10.44
N LEU A 171 -5.83 -21.41 -9.71
CA LEU A 171 -4.40 -21.07 -9.64
C LEU A 171 -3.49 -21.55 -10.76
N THR A 172 -2.88 -20.58 -11.46
CA THR A 172 -1.94 -20.84 -12.53
C THR A 172 -0.61 -20.46 -11.88
N LYS A 173 0.35 -21.38 -11.90
CA LYS A 173 1.66 -21.14 -11.28
C LYS A 173 2.47 -20.01 -11.93
N GLY A 174 2.79 -18.99 -11.14
CA GLY A 174 3.56 -17.85 -11.63
C GLY A 174 4.54 -17.28 -10.61
N ARG A 175 5.21 -16.17 -10.93
CA ARG A 175 6.17 -15.58 -9.97
C ARG A 175 5.86 -14.18 -9.43
N SER A 176 4.80 -13.56 -9.97
CA SER A 176 4.33 -12.25 -9.51
C SER A 176 2.80 -12.24 -9.55
N TYR A 177 2.19 -11.74 -8.48
CA TYR A 177 0.74 -11.67 -8.40
C TYR A 177 0.29 -10.31 -7.88
N GLU A 178 -0.87 -9.88 -8.35
CA GLU A 178 -1.47 -8.61 -7.94
C GLU A 178 -2.98 -8.72 -7.84
N PHE A 179 -3.59 -7.77 -7.14
CA PHE A 179 -5.05 -7.69 -7.00
C PHE A 179 -5.48 -6.77 -8.13
N SER A 180 -6.54 -7.14 -8.82
CA SER A 180 -7.03 -6.34 -9.94
C SER A 180 -7.83 -5.13 -9.49
N ASP A 181 -8.18 -4.28 -10.44
CA ASP A 181 -8.99 -3.08 -10.16
C ASP A 181 -10.36 -3.50 -9.58
N ASP A 182 -10.97 -4.52 -10.18
CA ASP A 182 -12.28 -4.99 -9.72
C ASP A 182 -12.22 -5.36 -8.25
N SER A 183 -11.22 -6.15 -7.88
CA SER A 183 -11.06 -6.58 -6.50
C SER A 183 -10.89 -5.37 -5.56
N MET A 184 -10.27 -4.31 -6.08
CA MET A 184 -10.06 -3.08 -5.31
C MET A 184 -11.39 -2.34 -5.15
N HIS A 185 -12.28 -2.43 -6.13
CA HIS A 185 -13.59 -1.78 -6.03
C HIS A 185 -14.58 -2.57 -5.18
N TYR A 186 -14.47 -3.90 -5.21
CA TYR A 186 -15.32 -4.78 -4.41
C TYR A 186 -15.08 -4.50 -2.91
N TYR A 187 -13.81 -4.35 -2.52
CA TYR A 187 -13.43 -4.08 -1.13
C TYR A 187 -13.79 -2.66 -0.70
N GLU A 188 -13.73 -1.71 -1.63
CA GLU A 188 -14.10 -0.32 -1.35
C GLU A 188 -15.56 -0.32 -0.92
N ARG A 189 -16.40 -0.91 -1.74
CA ARG A 189 -17.83 -0.98 -1.45
C ARG A 189 -18.06 -1.71 -0.10
N PHE A 190 -17.29 -2.77 0.16
CA PHE A 190 -17.40 -3.55 1.40
C PHE A 190 -17.22 -2.64 2.63
N LEU A 191 -16.20 -1.80 2.61
CA LEU A 191 -15.92 -0.88 3.70
C LEU A 191 -17.05 0.12 3.92
N LYS A 192 -17.55 0.69 2.82
CA LYS A 192 -18.62 1.69 2.87
C LYS A 192 -19.95 1.14 3.35
N GLN A 193 -20.25 -0.10 2.97
CA GLN A 193 -21.51 -0.76 3.30
C GLN A 193 -21.62 -1.38 4.70
N TYR A 194 -20.56 -2.06 5.14
CA TYR A 194 -20.56 -2.75 6.42
C TYR A 194 -19.89 -2.02 7.59
N LYS A 195 -18.96 -1.12 7.28
CA LYS A 195 -18.21 -0.38 8.29
C LYS A 195 -17.66 -1.30 9.38
N PRO A 196 -16.86 -2.32 8.99
CA PRO A 196 -16.29 -3.26 9.97
C PRO A 196 -15.39 -2.57 11.02
N GLN A 197 -15.75 -2.69 12.29
CA GLN A 197 -15.02 -2.06 13.38
C GLN A 197 -13.74 -2.81 13.76
N CYS A 198 -13.79 -4.13 13.72
CA CYS A 198 -12.65 -4.96 14.10
C CYS A 198 -11.35 -4.74 13.31
N ILE A 199 -11.40 -4.11 12.14
CA ILE A 199 -10.19 -3.92 11.35
C ILE A 199 -9.54 -2.52 11.42
N LEU A 200 -9.85 -1.78 12.49
CA LEU A 200 -9.31 -0.44 12.69
C LEU A 200 -8.13 -0.28 13.65
N ASN A 201 -7.92 -1.25 14.53
CA ASN A 201 -6.84 -1.17 15.51
C ASN A 201 -5.55 -1.80 15.07
N LYS A 202 -4.46 -1.05 15.28
CA LYS A 202 -3.11 -1.49 14.95
C LYS A 202 -2.75 -2.51 16.06
N PRO A 203 -2.44 -3.77 15.69
CA PRO A 203 -2.09 -4.85 16.64
C PRO A 203 -0.74 -4.69 17.35
N GLN B 2 7.92 -8.33 -1.90
CA GLN B 2 7.44 -6.96 -1.57
C GLN B 2 7.43 -6.77 -0.06
N ASN B 3 8.61 -6.56 0.52
CA ASN B 3 8.70 -6.35 1.97
C ASN B 3 9.02 -4.88 2.26
N LEU B 4 7.97 -4.07 2.40
CA LEU B 4 8.13 -2.63 2.68
C LEU B 4 7.29 -2.28 3.92
N PRO B 5 7.96 -1.79 4.99
CA PRO B 5 7.34 -1.40 6.26
C PRO B 5 6.66 -0.04 6.16
N GLN B 6 5.74 0.21 7.08
CA GLN B 6 4.99 1.46 7.10
C GLN B 6 5.78 2.71 7.41
N ARG B 7 5.90 3.59 6.43
CA ARG B 7 6.62 4.85 6.63
C ARG B 7 5.64 6.00 6.49
N TYR B 8 5.98 7.15 7.09
CA TYR B 8 5.12 8.33 7.07
C TYR B 8 5.89 9.62 6.75
N ILE B 9 5.41 10.39 5.76
CA ILE B 9 6.05 11.66 5.38
C ILE B 9 5.19 12.89 5.80
N GLU B 10 5.79 13.81 6.52
CA GLU B 10 5.08 15.01 6.94
C GLU B 10 5.45 16.09 5.94
N LEU B 11 4.52 16.38 5.04
CA LEU B 11 4.72 17.34 3.98
C LEU B 11 4.18 18.76 4.20
N VAL B 12 5.00 19.74 3.84
CA VAL B 12 4.63 21.14 3.90
C VAL B 12 4.82 21.69 2.48
N VAL B 13 3.72 22.10 1.84
CA VAL B 13 3.78 22.67 0.50
C VAL B 13 3.73 24.18 0.67
N VAL B 14 4.63 24.87 -0.02
CA VAL B 14 4.69 26.33 0.03
C VAL B 14 4.29 26.86 -1.35
N ALA B 15 3.23 27.67 -1.40
CA ALA B 15 2.76 28.25 -2.66
C ALA B 15 3.30 29.66 -2.78
N ASP B 16 4.00 29.97 -3.87
CA ASP B 16 4.59 31.32 -4.04
C ASP B 16 3.61 32.44 -4.35
N HIS B 17 4.12 33.66 -4.54
CA HIS B 17 3.27 34.82 -4.81
C HIS B 17 2.63 34.75 -6.18
N ARG B 18 3.36 34.18 -7.14
CA ARG B 18 2.87 34.01 -8.50
C ARG B 18 1.68 33.03 -8.55
N VAL B 19 1.63 32.10 -7.60
CA VAL B 19 0.53 31.14 -7.50
C VAL B 19 -0.65 31.90 -6.90
N PHE B 20 -0.39 32.62 -5.82
CA PHE B 20 -1.37 33.45 -5.11
C PHE B 20 -2.18 34.32 -6.10
N MET B 21 -1.46 35.02 -6.99
CA MET B 21 -2.08 35.89 -7.99
C MET B 21 -2.92 35.12 -9.00
N LYS B 22 -2.38 33.99 -9.45
CA LYS B 22 -3.00 33.13 -10.46
C LYS B 22 -4.40 32.56 -10.16
N TYR B 23 -4.71 32.37 -8.88
CA TYR B 23 -6.02 31.84 -8.52
C TYR B 23 -6.96 32.93 -7.99
N ASN B 24 -6.71 34.13 -8.50
CA ASN B 24 -7.46 35.35 -8.18
C ASN B 24 -7.41 35.72 -6.71
N SER B 25 -6.25 35.46 -6.10
CA SER B 25 -5.99 35.75 -4.70
C SER B 25 -6.83 34.96 -3.67
N ASP B 26 -7.65 34.02 -4.15
CA ASP B 26 -8.51 33.21 -3.30
C ASP B 26 -7.75 32.04 -2.67
N LEU B 27 -7.61 32.09 -1.35
CA LEU B 27 -6.88 31.07 -0.61
C LEU B 27 -7.55 29.70 -0.56
N ASN B 28 -8.88 29.70 -0.48
CA ASN B 28 -9.65 28.46 -0.41
C ASN B 28 -9.49 27.67 -1.72
N THR B 29 -9.12 28.36 -2.79
CA THR B 29 -8.92 27.72 -4.08
C THR B 29 -7.58 26.97 -4.06
N ILE B 30 -6.54 27.62 -3.53
CA ILE B 30 -5.21 27.04 -3.42
C ILE B 30 -5.22 25.85 -2.45
N ARG B 31 -5.97 25.99 -1.37
CA ARG B 31 -6.08 24.94 -0.37
C ARG B 31 -6.67 23.66 -0.96
N THR B 32 -7.80 23.80 -1.62
CA THR B 32 -8.47 22.66 -2.23
C THR B 32 -7.61 21.93 -3.27
N ARG B 33 -6.94 22.66 -4.15
CA ARG B 33 -6.05 22.08 -5.17
C ARG B 33 -5.00 21.20 -4.50
N VAL B 34 -4.27 21.83 -3.57
CA VAL B 34 -3.22 21.16 -2.84
C VAL B 34 -3.73 19.91 -2.10
N HIS B 35 -4.88 20.03 -1.45
CA HIS B 35 -5.45 18.91 -0.73
C HIS B 35 -5.76 17.73 -1.66
N GLU B 36 -6.29 18.03 -2.84
CA GLU B 36 -6.62 17.00 -3.82
C GLU B 36 -5.33 16.34 -4.29
N ILE B 37 -4.31 17.17 -4.52
CA ILE B 37 -2.99 16.69 -4.98
C ILE B 37 -2.38 15.73 -3.96
N VAL B 38 -2.42 16.07 -2.67
CA VAL B 38 -1.88 15.17 -1.66
C VAL B 38 -2.68 13.86 -1.70
N ASN B 39 -3.95 13.93 -2.11
CA ASN B 39 -4.80 12.75 -2.21
C ASN B 39 -4.34 11.81 -3.32
N PHE B 40 -3.96 12.36 -4.47
CA PHE B 40 -3.47 11.54 -5.57
C PHE B 40 -2.11 10.94 -5.25
N ILE B 41 -1.25 11.72 -4.59
CA ILE B 41 0.09 11.26 -4.19
C ILE B 41 -0.07 10.01 -3.36
N ASN B 42 -0.88 10.13 -2.31
CA ASN B 42 -1.18 9.02 -1.40
C ASN B 42 -1.59 7.74 -2.14
N GLY B 43 -2.53 7.87 -3.07
CA GLY B 43 -2.97 6.71 -3.83
C GLY B 43 -1.83 6.09 -4.62
N PHE B 44 -0.87 6.88 -5.09
CA PHE B 44 0.27 6.36 -5.84
C PHE B 44 1.25 5.64 -4.95
N TYR B 45 1.45 6.18 -3.75
CA TYR B 45 2.38 5.61 -2.77
C TYR B 45 1.84 4.45 -1.94
N ARG B 46 0.62 4.02 -2.24
CA ARG B 46 -0.03 2.91 -1.55
C ARG B 46 0.82 1.64 -1.56
N SER B 47 1.21 1.22 -2.75
CA SER B 47 2.02 0.03 -2.96
C SER B 47 3.41 0.08 -2.32
N LEU B 48 3.85 1.28 -2.00
CA LEU B 48 5.15 1.49 -1.40
C LEU B 48 5.03 1.51 0.10
N ASN B 49 3.79 1.58 0.58
CA ASN B 49 3.56 1.63 2.02
C ASN B 49 4.00 2.97 2.65
N ILE B 50 3.85 4.04 1.89
CA ILE B 50 4.19 5.38 2.36
C ILE B 50 2.86 6.13 2.41
N HIS B 51 2.68 6.88 3.47
CA HIS B 51 1.49 7.67 3.66
C HIS B 51 1.97 9.11 3.77
N VAL B 52 1.50 9.95 2.84
CA VAL B 52 1.87 11.36 2.80
C VAL B 52 0.81 12.24 3.50
N SER B 53 1.25 12.98 4.52
CA SER B 53 0.41 13.84 5.35
C SER B 53 0.76 15.33 5.22
N LEU B 54 -0.25 16.17 5.02
CA LEU B 54 -0.08 17.63 4.87
C LEU B 54 -0.14 18.29 6.26
N THR B 55 1.01 18.72 6.76
CA THR B 55 1.13 19.36 8.09
C THR B 55 0.87 20.85 8.02
N ASP B 56 1.29 21.47 6.91
CA ASP B 56 1.10 22.89 6.74
C ASP B 56 1.18 23.21 5.27
N LEU B 57 0.44 24.24 4.89
CA LEU B 57 0.41 24.79 3.53
C LEU B 57 0.62 26.27 3.82
N GLU B 58 1.71 26.81 3.30
CA GLU B 58 2.07 28.20 3.50
C GLU B 58 2.01 28.97 2.19
N ILE B 59 1.09 29.94 2.14
CA ILE B 59 0.87 30.77 0.98
C ILE B 59 1.50 32.12 1.25
N TRP B 60 2.43 32.52 0.39
CA TRP B 60 3.09 33.81 0.50
C TRP B 60 2.13 34.89 -0.08
N SER B 61 1.02 35.11 0.64
CA SER B 61 -0.01 36.07 0.25
C SER B 61 0.46 37.52 0.20
N ASN B 62 1.42 37.86 1.07
CA ASN B 62 1.97 39.21 1.14
C ASN B 62 3.14 39.35 0.15
N GLU B 63 4.29 38.79 0.48
CA GLU B 63 5.49 38.87 -0.38
C GLU B 63 6.33 37.58 -0.43
N ASP B 64 7.03 37.36 -1.55
CA ASP B 64 7.90 36.19 -1.75
C ASP B 64 9.09 36.22 -0.76
N GLN B 65 9.30 35.14 0.00
CA GLN B 65 10.40 35.07 0.97
C GLN B 65 11.78 34.90 0.33
N ILE B 66 11.82 34.29 -0.86
CA ILE B 66 13.08 34.08 -1.58
C ILE B 66 12.92 34.66 -2.98
N ASN B 67 14.03 34.75 -3.71
CA ASN B 67 14.02 35.29 -5.06
C ASN B 67 13.70 34.11 -6.00
N ILE B 68 12.44 34.04 -6.43
CA ILE B 68 11.96 33.00 -7.32
C ILE B 68 12.49 33.30 -8.74
N GLN B 69 13.40 32.47 -9.22
CA GLN B 69 13.97 32.66 -10.56
C GLN B 69 13.50 31.59 -11.56
N SER B 70 13.81 31.80 -12.83
CA SER B 70 13.43 30.87 -13.89
C SER B 70 14.37 29.65 -13.89
N ALA B 71 15.60 29.85 -13.45
CA ALA B 71 16.57 28.78 -13.36
C ALA B 71 16.19 27.90 -12.17
N SER B 72 15.63 26.74 -12.47
CA SER B 72 15.20 25.78 -11.46
C SER B 72 16.23 25.45 -10.38
N SER B 73 17.49 25.22 -10.77
CA SER B 73 18.53 24.87 -9.81
C SER B 73 18.83 26.02 -8.88
N ASP B 74 18.69 27.24 -9.37
CA ASP B 74 18.94 28.41 -8.55
C ASP B 74 17.81 28.64 -7.53
N THR B 75 16.56 28.43 -7.95
CA THR B 75 15.42 28.58 -7.05
C THR B 75 15.46 27.42 -6.02
N LEU B 76 15.95 26.27 -6.49
CA LEU B 76 16.09 25.07 -5.68
C LEU B 76 17.05 25.46 -4.55
N ASN B 77 18.10 26.18 -4.91
CA ASN B 77 19.12 26.65 -3.95
C ASN B 77 18.55 27.59 -2.87
N ALA B 78 17.81 28.60 -3.31
CA ALA B 78 17.21 29.57 -2.43
C ALA B 78 16.18 28.94 -1.51
N PHE B 79 15.41 27.98 -2.03
CA PHE B 79 14.40 27.31 -1.24
C PHE B 79 15.03 26.42 -0.15
N ALA B 80 16.21 25.85 -0.41
CA ALA B 80 16.90 25.01 0.57
C ALA B 80 17.39 25.79 1.81
N GLU B 81 17.99 26.97 1.56
CA GLU B 81 18.51 27.84 2.62
C GLU B 81 17.36 28.31 3.52
N TRP B 82 16.22 28.63 2.91
CA TRP B 82 15.04 29.10 3.62
C TRP B 82 14.36 27.97 4.42
N ARG B 83 14.31 26.78 3.83
CA ARG B 83 13.70 25.66 4.53
C ARG B 83 14.45 25.51 5.82
N GLU B 84 15.78 25.37 5.71
CA GLU B 84 16.65 25.18 6.86
C GLU B 84 16.58 26.25 7.95
N THR B 85 16.71 27.51 7.56
CA THR B 85 16.73 28.62 8.51
C THR B 85 15.41 29.33 8.88
N ASP B 86 14.30 29.00 8.24
CA ASP B 86 13.05 29.67 8.57
C ASP B 86 11.95 28.67 8.83
N LEU B 87 11.59 27.92 7.80
CA LEU B 87 10.53 26.95 7.93
C LEU B 87 10.80 25.81 8.93
N LEU B 88 12.01 25.25 8.91
CA LEU B 88 12.34 24.15 9.82
C LEU B 88 12.62 24.64 11.23
N ASN B 89 12.87 25.94 11.34
CA ASN B 89 13.13 26.57 12.63
C ASN B 89 11.81 26.70 13.38
N ARG B 90 10.72 26.86 12.61
CA ARG B 90 9.37 27.01 13.16
C ARG B 90 8.55 25.74 13.12
N LYS B 91 8.56 25.05 11.99
CA LYS B 91 7.81 23.81 11.80
C LYS B 91 8.68 22.58 11.63
N SER B 92 8.37 21.58 12.44
CA SER B 92 9.04 20.30 12.42
C SER B 92 8.40 19.57 11.24
N HIS B 93 9.21 19.16 10.27
CA HIS B 93 8.66 18.49 9.10
C HIS B 93 9.76 17.69 8.42
N ASP B 94 9.33 16.65 7.71
CA ASP B 94 10.24 15.75 7.01
C ASP B 94 10.66 16.24 5.62
N ASN B 95 9.71 16.75 4.85
CA ASN B 95 9.97 17.21 3.47
C ASN B 95 9.21 18.50 3.10
N ALA B 96 9.81 19.33 2.26
CA ALA B 96 9.17 20.58 1.83
C ALA B 96 9.17 20.74 0.30
N GLN B 97 7.99 20.93 -0.28
CA GLN B 97 7.84 21.12 -1.73
C GLN B 97 7.37 22.53 -2.02
N LEU B 98 7.91 23.17 -3.06
CA LEU B 98 7.50 24.52 -3.45
C LEU B 98 6.66 24.57 -4.72
N LEU B 99 5.47 25.17 -4.63
CA LEU B 99 4.54 25.31 -5.73
C LEU B 99 4.74 26.70 -6.35
N THR B 100 5.52 26.75 -7.42
CA THR B 100 5.83 27.99 -8.12
C THR B 100 5.07 28.12 -9.45
N ALA B 101 4.83 29.35 -9.88
CA ALA B 101 4.11 29.56 -11.13
C ALA B 101 4.98 30.28 -12.16
N ILE B 102 6.28 30.29 -11.94
CA ILE B 102 7.19 30.91 -12.86
C ILE B 102 7.39 29.90 -13.99
N GLU B 103 7.54 30.39 -15.21
CA GLU B 103 7.76 29.51 -16.37
C GLU B 103 9.24 29.09 -16.33
N LEU B 104 9.50 27.93 -15.73
CA LEU B 104 10.86 27.42 -15.58
C LEU B 104 11.66 27.19 -16.86
N ASP B 105 12.82 27.85 -16.88
CA ASP B 105 13.83 27.87 -17.94
C ASP B 105 13.77 26.94 -19.16
N GLU B 106 14.47 25.81 -19.10
CA GLU B 106 14.50 24.88 -20.23
C GLU B 106 13.34 23.90 -20.21
N GLU B 107 12.15 24.46 -20.05
CA GLU B 107 10.89 23.72 -19.99
C GLU B 107 10.89 22.63 -18.93
N THR B 108 11.42 22.99 -17.76
CA THR B 108 11.50 22.11 -16.61
C THR B 108 10.18 22.27 -15.87
N LEU B 109 9.52 21.17 -15.52
CA LEU B 109 8.27 21.30 -14.81
C LEU B 109 8.38 20.88 -13.36
N GLY B 110 9.60 20.68 -12.91
CA GLY B 110 9.87 20.25 -11.55
C GLY B 110 11.30 19.80 -11.37
N LEU B 111 11.81 19.93 -10.14
CA LEU B 111 13.19 19.55 -9.81
C LEU B 111 13.40 19.26 -8.31
N ALA B 112 14.14 18.19 -8.01
CA ALA B 112 14.42 17.78 -6.64
C ALA B 112 15.73 16.97 -6.59
N PRO B 113 16.55 17.16 -5.54
CA PRO B 113 17.82 16.39 -5.43
C PRO B 113 17.60 14.90 -5.08
N LEU B 114 18.51 14.03 -5.53
CA LEU B 114 18.40 12.57 -5.34
C LEU B 114 18.90 11.94 -4.01
N GLY B 115 18.04 11.12 -3.40
CA GLY B 115 18.35 10.45 -2.14
C GLY B 115 18.55 11.37 -0.94
N THR B 116 17.70 12.39 -0.80
CA THR B 116 17.83 13.37 0.26
C THR B 116 16.75 13.51 1.34
N MET B 117 15.84 12.54 1.45
CA MET B 117 14.79 12.61 2.47
C MET B 117 15.39 12.69 3.88
N CYS B 118 14.91 13.65 4.66
CA CYS B 118 15.33 13.90 6.05
C CYS B 118 16.60 14.74 6.22
N ASP B 119 17.08 15.38 5.16
CA ASP B 119 18.27 16.22 5.28
C ASP B 119 17.81 17.62 5.59
N PRO B 120 18.42 18.29 6.59
CA PRO B 120 18.03 19.65 6.97
C PRO B 120 17.97 20.62 5.81
N LYS B 121 18.96 20.54 4.94
CA LYS B 121 19.04 21.42 3.80
C LYS B 121 18.35 20.89 2.54
N LEU B 122 18.69 19.67 2.15
CA LEU B 122 18.18 19.07 0.92
C LEU B 122 16.88 18.27 0.87
N SER B 123 16.14 18.14 1.98
CA SER B 123 14.88 17.39 1.90
C SER B 123 13.81 18.31 1.27
N ILE B 124 14.00 18.61 -0.01
CA ILE B 124 13.11 19.54 -0.72
C ILE B 124 12.84 19.19 -2.19
N GLY B 125 11.99 20.01 -2.80
CA GLY B 125 11.66 19.86 -4.21
C GLY B 125 10.85 21.06 -4.67
N ILE B 126 10.96 21.40 -5.95
CA ILE B 126 10.20 22.49 -6.55
C ILE B 126 9.29 21.93 -7.66
N VAL B 127 8.01 22.26 -7.57
CA VAL B 127 6.98 21.80 -8.49
C VAL B 127 6.37 23.02 -9.16
N GLN B 128 6.23 22.99 -10.48
CA GLN B 128 5.66 24.12 -11.20
C GLN B 128 4.17 23.89 -11.40
N ASP B 129 3.40 24.95 -11.22
CA ASP B 129 1.95 24.89 -11.38
C ASP B 129 1.74 24.97 -12.90
N HIS B 130 1.73 23.80 -13.52
CA HIS B 130 1.62 23.68 -14.98
C HIS B 130 0.39 23.01 -15.58
N SER B 131 -0.51 22.52 -14.74
CA SER B 131 -1.67 21.83 -15.29
C SER B 131 -2.88 21.99 -14.40
N PRO B 132 -4.05 22.30 -15.00
CA PRO B 132 -5.32 22.48 -14.30
C PRO B 132 -5.93 21.14 -13.85
N ILE B 133 -5.23 20.05 -14.14
CA ILE B 133 -5.68 18.71 -13.80
C ILE B 133 -4.90 18.24 -12.58
N ASN B 134 -5.57 18.12 -11.45
CA ASN B 134 -4.95 17.71 -10.19
C ASN B 134 -4.18 16.38 -10.23
N LEU B 135 -4.40 15.60 -11.29
CA LEU B 135 -3.76 14.31 -11.46
C LEU B 135 -2.33 14.49 -11.98
N LEU B 136 -2.18 15.32 -13.00
CA LEU B 136 -0.89 15.56 -13.60
C LEU B 136 0.03 16.36 -12.67
N MET B 137 -0.56 16.96 -11.64
CA MET B 137 0.20 17.72 -10.66
C MET B 137 0.61 16.76 -9.56
N GLY B 138 -0.23 15.77 -9.32
CA GLY B 138 0.02 14.77 -8.30
C GLY B 138 1.19 13.89 -8.73
N VAL B 139 1.20 13.49 -10.00
CA VAL B 139 2.28 12.67 -10.54
C VAL B 139 3.58 13.50 -10.51
N THR B 140 3.45 14.79 -10.76
CA THR B 140 4.57 15.72 -10.75
C THR B 140 5.22 15.81 -9.37
N MET B 141 4.40 16.06 -8.35
CA MET B 141 4.92 16.18 -7.00
C MET B 141 5.36 14.82 -6.47
N ALA B 142 4.69 13.76 -6.92
CA ALA B 142 5.02 12.39 -6.52
C ALA B 142 6.33 12.02 -7.16
N HIS B 143 6.58 12.58 -8.33
CA HIS B 143 7.82 12.31 -9.04
C HIS B 143 8.98 12.90 -8.24
N GLU B 144 8.86 14.18 -7.88
CA GLU B 144 9.88 14.87 -7.11
C GLU B 144 10.11 14.29 -5.72
N LEU B 145 9.04 13.86 -5.03
CA LEU B 145 9.20 13.23 -3.73
C LEU B 145 9.95 11.92 -3.93
N GLY B 146 9.67 11.27 -5.06
CA GLY B 146 10.30 10.02 -5.42
C GLY B 146 11.81 10.13 -5.55
N HIS B 147 12.29 11.22 -6.13
CA HIS B 147 13.72 11.46 -6.28
C HIS B 147 14.34 11.63 -4.89
N ASN B 148 13.62 12.27 -3.97
CA ASN B 148 14.06 12.49 -2.57
C ASN B 148 14.30 11.17 -1.90
N LEU B 149 13.53 10.16 -2.31
CA LEU B 149 13.60 8.81 -1.79
C LEU B 149 14.57 7.90 -2.56
N GLY B 150 15.54 8.51 -3.25
CA GLY B 150 16.55 7.79 -3.99
C GLY B 150 16.12 7.10 -5.28
N MET B 151 15.02 7.55 -5.88
CA MET B 151 14.56 6.95 -7.12
C MET B 151 15.12 7.66 -8.35
N GLU B 152 15.77 6.89 -9.23
CA GLU B 152 16.32 7.42 -10.48
C GLU B 152 15.22 7.24 -11.54
N HIS B 153 15.43 7.77 -12.73
CA HIS B 153 14.42 7.65 -13.75
C HIS B 153 14.26 6.27 -14.35
N ASP B 154 13.17 6.12 -15.10
CA ASP B 154 12.86 4.88 -15.80
C ASP B 154 13.12 5.16 -17.28
N GLY B 155 12.68 4.24 -18.13
CA GLY B 155 12.84 4.44 -19.56
C GLY B 155 11.70 5.33 -20.03
N LYS B 156 11.84 5.87 -21.24
CA LYS B 156 10.79 6.73 -21.79
C LYS B 156 9.55 5.93 -22.20
N ASP B 157 9.77 4.67 -22.59
CA ASP B 157 8.70 3.75 -23.02
C ASP B 157 8.34 2.90 -21.78
N CYS B 158 8.41 3.48 -20.59
CA CYS B 158 8.10 2.74 -19.35
C CYS B 158 6.62 2.66 -19.13
N LEU B 159 6.16 1.44 -18.91
CA LEU B 159 4.75 1.16 -18.69
C LEU B 159 4.69 0.05 -17.66
N ARG B 160 3.63 0.07 -16.86
CA ARG B 160 3.41 -0.97 -15.89
C ARG B 160 1.94 -1.34 -16.10
N GLY B 161 1.69 -2.25 -17.04
CA GLY B 161 0.34 -2.64 -17.38
C GLY B 161 -0.12 -1.56 -18.33
N ALA B 162 -1.24 -0.90 -17.99
CA ALA B 162 -1.76 0.18 -18.82
C ALA B 162 -1.30 1.53 -18.25
N SER B 163 -0.76 1.49 -17.03
CA SER B 163 -0.30 2.66 -16.31
C SER B 163 1.07 3.18 -16.74
N LEU B 164 1.26 4.49 -16.62
CA LEU B 164 2.54 5.12 -16.96
C LEU B 164 3.41 5.17 -15.70
N CYS B 165 4.67 4.78 -15.84
CA CYS B 165 5.59 4.79 -14.71
C CYS B 165 5.77 6.23 -14.29
N ILE B 166 5.62 6.49 -12.99
CA ILE B 166 5.73 7.83 -12.45
C ILE B 166 7.12 8.46 -12.60
N MET B 167 8.17 7.64 -12.52
CA MET B 167 9.55 8.13 -12.65
C MET B 167 10.08 8.26 -14.07
N ARG B 168 9.19 8.46 -15.03
CA ARG B 168 9.59 8.66 -16.42
C ARG B 168 10.31 10.01 -16.42
N PRO B 169 11.16 10.26 -17.43
CA PRO B 169 11.85 11.55 -17.48
C PRO B 169 10.97 12.71 -17.95
N GLY B 170 9.99 12.44 -18.81
CA GLY B 170 9.10 13.48 -19.30
C GLY B 170 7.65 13.17 -18.96
N LEU B 171 6.78 14.18 -19.02
CA LEU B 171 5.36 14.00 -18.71
C LEU B 171 4.47 13.81 -19.92
N THR B 172 3.88 12.63 -20.00
CA THR B 172 2.96 12.26 -21.05
C THR B 172 1.59 12.21 -20.36
N LYS B 173 0.55 12.69 -21.03
CA LYS B 173 -0.77 12.65 -20.44
C LYS B 173 -1.40 11.27 -20.47
N GLY B 174 -2.06 10.91 -19.37
CA GLY B 174 -2.71 9.62 -19.25
C GLY B 174 -3.73 9.70 -18.13
N ARG B 175 -4.35 8.58 -17.79
CA ARG B 175 -5.34 8.56 -16.73
C ARG B 175 -4.95 7.58 -15.64
N SER B 176 -3.97 6.72 -15.95
CA SER B 176 -3.48 5.73 -15.00
C SER B 176 -1.96 5.86 -14.88
N TYR B 177 -1.47 6.11 -13.67
CA TYR B 177 -0.03 6.25 -13.39
C TYR B 177 0.33 5.41 -12.21
N GLU B 178 1.47 4.74 -12.28
CA GLU B 178 1.93 3.88 -11.21
C GLU B 178 3.44 3.91 -11.16
N PHE B 179 3.99 3.48 -10.03
CA PHE B 179 5.43 3.40 -9.82
C PHE B 179 5.93 2.07 -10.41
N SER B 180 7.11 2.07 -10.99
CA SER B 180 7.64 0.84 -11.56
C SER B 180 8.38 -0.03 -10.54
N ASP B 181 8.63 -1.28 -10.91
CA ASP B 181 9.33 -2.21 -10.06
C ASP B 181 10.76 -1.69 -9.79
N ASP B 182 11.30 -0.89 -10.71
CA ASP B 182 12.63 -0.31 -10.52
C ASP B 182 12.58 0.68 -9.39
N SER B 183 11.54 1.52 -9.39
CA SER B 183 11.33 2.52 -8.35
C SER B 183 11.21 1.83 -6.99
N MET B 184 10.40 0.77 -6.91
CA MET B 184 10.25 0.04 -5.67
C MET B 184 11.64 -0.43 -5.20
N HIS B 185 12.51 -0.80 -6.15
CA HIS B 185 13.85 -1.25 -5.80
C HIS B 185 14.79 -0.10 -5.43
N TYR B 186 14.65 1.05 -6.10
CA TYR B 186 15.51 2.18 -5.76
C TYR B 186 15.20 2.60 -4.32
N TYR B 187 13.92 2.52 -3.94
CA TYR B 187 13.49 2.89 -2.59
C TYR B 187 13.85 1.87 -1.51
N GLU B 188 13.74 0.58 -1.82
CA GLU B 188 14.08 -0.51 -0.89
C GLU B 188 15.53 -0.38 -0.43
N ARG B 189 16.42 -0.14 -1.40
CA ARG B 189 17.84 0.01 -1.12
C ARG B 189 18.13 1.30 -0.31
N PHE B 190 17.48 2.40 -0.68
CA PHE B 190 17.61 3.70 0.00
C PHE B 190 17.26 3.54 1.47
N LEU B 191 16.10 2.97 1.74
CA LEU B 191 15.62 2.75 3.10
C LEU B 191 16.64 1.96 3.93
N LYS B 192 17.35 1.03 3.27
CA LYS B 192 18.36 0.20 3.92
C LYS B 192 19.73 0.87 3.95
N GLN B 193 19.98 1.72 2.96
CA GLN B 193 21.25 2.42 2.83
C GLN B 193 21.35 3.68 3.68
N TYR B 194 20.58 4.70 3.30
CA TYR B 194 20.60 5.99 4.00
C TYR B 194 19.86 5.92 5.34
N LYS B 195 18.86 5.04 5.40
CA LYS B 195 18.02 4.80 6.57
C LYS B 195 17.47 6.10 7.17
N PRO B 196 16.57 6.77 6.44
CA PRO B 196 15.95 8.03 6.86
C PRO B 196 15.28 7.88 8.24
N GLN B 197 15.64 8.77 9.15
CA GLN B 197 15.16 8.74 10.53
C GLN B 197 13.86 9.48 10.79
N CYS B 198 13.60 10.49 9.97
CA CYS B 198 12.42 11.32 10.12
C CYS B 198 11.11 10.72 9.62
N ILE B 199 11.18 9.65 8.84
CA ILE B 199 9.93 9.09 8.32
C ILE B 199 9.23 7.91 9.05
N LEU B 200 9.43 7.77 10.35
CA LEU B 200 8.77 6.67 11.06
C LEU B 200 7.55 7.05 11.88
N ASN B 201 7.52 8.28 12.36
CA ASN B 201 6.42 8.77 13.19
C ASN B 201 5.09 9.01 12.49
N LYS B 202 4.03 8.42 13.06
CA LYS B 202 2.67 8.60 12.55
C LYS B 202 2.36 10.03 12.96
N PRO B 203 2.06 10.88 11.99
CA PRO B 203 1.73 12.30 12.22
C PRO B 203 0.40 12.47 12.96
ZN ZN C . -12.34 -18.01 -4.88
CA CA D . -8.76 -6.05 15.17
C1 BAT E . -7.64 -19.75 -6.12
C2 BAT E . -6.70 -19.82 -4.86
C3 BAT E . -6.80 -19.29 -7.32
C4 BAT E . -5.31 -17.23 -8.56
C5 BAT E . -4.17 -16.54 -8.12
C6 BAT E . -3.16 -16.48 -9.19
C7 BAT E . -3.63 -17.13 -10.34
C8 BAT E . -8.46 -21.02 -6.56
C9 BAT E . -7.93 -22.39 -7.11
C10 BAT E . -6.95 -23.22 -6.23
C11 BAT E . -5.71 -22.64 -5.53
C12 BAT E . -6.37 -24.09 -7.36
C13 BAT E . -9.63 -21.42 -5.65
C14 BAT E . -11.99 -22.15 -5.79
C15 BAT E . -12.51 -21.05 -4.84
C16 BAT E . -13.39 -20.39 -2.72
C17 BAT E . -11.80 -23.59 -5.30
C18 BAT E . -11.60 -24.47 -6.51
C19 BAT E . -12.69 -24.95 -7.22
C20 BAT E . -12.51 -25.74 -8.36
C21 BAT E . -11.22 -26.06 -8.79
C22 BAT E . -10.11 -25.58 -8.08
C23 BAT E . -10.31 -24.79 -6.94
N1 BAT E . -7.41 -19.65 -3.73
N2 BAT E . -10.73 -21.71 -6.37
N3 BAT E . -12.90 -21.44 -3.61
O1 BAT E . -5.52 -19.96 -4.89
O2 BAT E . -7.09 -19.60 -2.72
O3 BAT E . -9.51 -21.76 -4.46
O4 BAT E . -12.64 -19.89 -5.24
S1 BAT E . -6.71 -17.50 -7.58
S2 BAT E . -5.20 -17.79 -10.19
ZN ZN F . 12.80 13.40 -12.57
CA CA G . 8.46 12.58 10.69
C1 BAT H . 8.28 14.59 -14.49
C2 BAT H . 7.20 15.42 -13.75
C3 BAT H . 7.70 13.19 -14.76
C4 BAT H . 5.74 11.58 -16.17
C5 BAT H . 5.42 10.86 -15.00
C6 BAT H . 4.68 9.64 -15.33
C7 BAT H . 4.49 9.53 -16.72
C8 BAT H . 8.99 15.24 -15.70
C9 BAT H . 8.32 15.87 -16.97
C10 BAT H . 7.85 17.35 -16.90
C11 BAT H . 6.43 17.61 -16.38
C12 BAT H . 7.76 17.82 -18.36
C13 BAT H . 10.17 16.09 -15.18
C14 BAT H . 12.57 16.51 -15.47
C15 BAT H . 12.99 16.00 -14.08
C16 BAT H . 13.46 16.40 -11.76
C17 BAT H . 12.45 18.01 -15.75
C18 BAT H . 12.61 18.26 -17.24
C19 BAT H . 13.85 18.61 -17.78
C20 BAT H . 14.00 18.80 -19.16
C21 BAT H . 12.91 18.66 -20.01
C22 BAT H . 11.66 18.32 -19.47
C23 BAT H . 11.52 18.12 -18.10
N1 BAT H . 7.84 15.69 -12.56
N2 BAT H . 11.33 15.84 -15.80
N3 BAT H . 13.07 16.88 -13.08
O1 BAT H . 6.05 15.63 -14.04
O2 BAT H . 7.37 16.22 -11.48
O3 BAT H . 10.01 17.03 -14.40
O4 BAT H . 13.23 14.80 -13.92
S1 BAT H . 6.60 13.09 -16.19
S2 BAT H . 5.17 10.82 -17.64
#